data_9MM6
#
_entry.id   9MM6
#
_cell.length_a   1.00
_cell.length_b   1.00
_cell.length_c   1.00
_cell.angle_alpha   90.00
_cell.angle_beta   90.00
_cell.angle_gamma   90.00
#
_symmetry.space_group_name_H-M   'P 1'
#
loop_
_entity.id
_entity.type
_entity.pdbx_description
1 polymer 'RNA (526-MER)'
2 non-polymer 'POTASSIUM ION'
3 non-polymer 'MAGNESIUM ION'
#
_entity_poly.entity_id   1
_entity_poly.type   'polyribonucleotide'
_entity_poly.pdbx_seq_one_letter_code
;AAUUGAAAAAUCAAUAGAUUUAAACCUAGUGAAGAGCAUUUGAACAAUGUGCUAGGGUAGUAUGGGAUAAGUCGAUAACU
AAAAUGAAUUGGGAUACUGAUUGAUUUUAGUGGUGGAUUUUACAGCAAUGUAAAAAGGACUAAUAGUAAAAGCUAUUAAU
CGCAAAGUACUACGUGGAAUUUGUGCAGGUGUAAGGUACGAAACUUUCGAGUGUGACAAUAGACGCUCCAGUGGAGAAUA
AUCUAAGUUAGGUGGAAGUGUGAGAAGCUUGGCAGACCUUAGAAAACUCAAACCAAGCGCUUUGCAGAGAAACUGAGAAA
UCAGUGUUUAACGAAAGAAGUCGGUACGAGUAGCUUAAUGCAGCAAUUUAUUUACAGAUGACAAAUAAUAAAAAUGGGAC
UCUUAUGUAAAUGCUGAAUGUUCAAGUGAAAGUUAUUAGCCAGUAGAGCUAGAUCAUACAGAAAAAGCAAAGAGAAGCUA
UUGGGUAGCGCCCGAUAGUUCAGCCUCUUUGGGUAUGUGACUGAAUAACACUGUAAACAAAGGAAGCAGGAAGAAAAGCC
UAAAUCUGUUGAUUUUUGAG
;
_entity_poly.pdbx_strand_id   A,E,I,M,Q,U,Y,c
#
loop_
_chem_comp.id
_chem_comp.type
_chem_comp.name
_chem_comp.formula
A RNA linking ADENOSINE-5'-MONOPHOSPHATE 'C10 H14 N5 O7 P'
C RNA linking CYTIDINE-5'-MONOPHOSPHATE 'C9 H14 N3 O8 P'
G RNA linking GUANOSINE-5'-MONOPHOSPHATE 'C10 H14 N5 O8 P'
K non-polymer 'POTASSIUM ION' 'K 1'
MG non-polymer 'MAGNESIUM ION' 'Mg 2'
U RNA linking URIDINE-5'-MONOPHOSPHATE 'C9 H13 N2 O9 P'
#
# COMPACT_ATOMS: atom_id res chain seq x y z
K K I . 7.61 -98.70 -44.60
K K J . -58.75 -86.23 -9.04
K K K . -41.08 -34.92 -64.20
K K L . -48.99 -79.89 -35.28
K K M . -30.84 -40.61 -75.73
K K N . -66.88 -94.60 -5.25
MG MG O . -31.54 -83.29 -52.90
MG MG P . 61.04 -63.99 -58.62
K K Q . 82.82 31.95 -63.77
K K R . 71.18 -43.30 -57.86
K K S . 9.84 -2.45 -81.95
K K T . 59.42 -22.83 -74.23
K K U . 13.81 11.82 -89.28
K K V . 47.96 -67.21 -52.65
K K W . 79.05 -52.28 -60.62
MG MG X . 60.45 0.60 -83.00
MG MG Y . -86.79 73.19 12.70
K K Z . -111.53 -22.07 10.18
K K AA . -94.63 52.05 17.32
K K BA . -69.79 18.94 -48.19
K K CA . -78.25 5.62 -52.62
K K DA . -101.71 60.89 22.07
MG MG EA . -106.92 13.10 -14.57
K K FA . 43.61 83.65 -30.98
MG MG GA . 53.17 86.14 -42.72
K K HA . 35.41 95.08 -31.47
K K IA . -18.59 51.52 -66.03
K K JA . 56.35 71.52 -44.52
K K KA . 44.20 103.22 -33.21
MG MG LA . -14.78 96.99 -44.56
K K MA . -73.90 -60.71 62.99
K K NA . -17.49 -99.38 29.09
K K OA . 5.65 -43.08 77.24
K K PA . -5.36 -39.27 88.71
K K QA . -17.03 -111.38 26.82
MG MG RA . -33.99 -73.95 71.03
K K SA . 63.65 -88.78 4.98
K K TA . 99.61 -23.42 -11.70
K K UA . 61.61 -23.67 55.99
K K VA . 59.76 -38.83 62.50
K K WA . 110.56 -22.10 -17.03
MG MG XA . 84.45 -56.68 24.93
K K YA . 32.53 99.99 25.94
K K ZA . 45.89 36.08 67.77
K K AB . 61.41 31.17 67.78
K K BB . 31.34 112.14 26.31
MG MG CB . 71.89 69.88 40.74
K K DB . -43.27 88.19 63.24
K K EB . -84.38 23.93 66.69
K K FB . -10.44 16.75 88.88
K K GB . -61.34 33.29 81.26
K K HB . -3.68 30.72 94.02
K K IB . -96.16 22.83 70.14
MG MG JB . -46.20 52.41 87.23
#